data_5UC1
#
_entry.id   5UC1
#
_cell.length_a   48.361
_cell.length_b   48.361
_cell.length_c   385.802
_cell.angle_alpha   90.000
_cell.angle_beta   90.000
_cell.angle_gamma   120.000
#
_symmetry.space_group_name_H-M   'P 61'
#
loop_
_entity.id
_entity.type
_entity.pdbx_description
1 polymer 'Glucocorticoid receptor'
2 non-polymer '11-(4-DIMETHYLAMINO-PHENYL)-17-HYDROXY-13-METHYL-17-PROP-1-YNYL-1,2,6,7,8,11,12,13,14,15,16,17-DODEC AHYDRO-CYCLOPENTA[A]PHENANTHREN-3-ONE'
3 non-polymer 3-[(3-CHOLAMIDOPROPYL)DIMETHYLAMMONIO]-1-PROPANESULFONATE
4 non-polymer 'CHLORIDE ION'
5 non-polymer (4S)-2-METHYL-2,4-PENTANEDIOL
6 non-polymer 1,2-ETHANEDIOL
7 water water
#
_entity_poly.entity_id   1
_entity_poly.type   'polypeptide(L)'
_entity_poly.pdbx_seq_one_letter_code
;SPATLPQLTPTLVSLLEVIEPEVLYAGYDGTVPDTTWRIMTTLNMLGGRQVIAAVKWAKAIPGFRNLHLDDQMTLLQYSW
MSLMAFALGWRSYRQSSGNVLCFAPDLIINEQRMGLPYMYDQCKQMLFVSSELKRLQVSYEEYLCMKTLLLFSSVPKEGL
KSQELFDEIRMTYIKELGKAIVKREGNSSQNWQRFYQLTKLLDSMHENVTWLKPESTSHFSL
;
_entity_poly.pdbx_strand_id   A,B
#
loop_
_chem_comp.id
_chem_comp.type
_chem_comp.name
_chem_comp.formula
486 non-polymer '11-(4-DIMETHYLAMINO-PHENYL)-17-HYDROXY-13-METHYL-17-PROP-1-YNYL-1,2,6,7,8,11,12,13,14,15,16,17-DODEC AHYDRO-CYCLOPENTA[A]PHENANTHREN-3-ONE' 'C29 H35 N O2'
CL non-polymer 'CHLORIDE ION' 'Cl -1'
CPS non-polymer 3-[(3-CHOLAMIDOPROPYL)DIMETHYLAMMONIO]-1-PROPANESULFONATE 'C32 H58 N2 O7 S'
EDO non-polymer 1,2-ETHANEDIOL 'C2 H6 O2'
MPD non-polymer (4S)-2-METHYL-2,4-PENTANEDIOL 'C6 H14 O2'
#
# COMPACT_ATOMS: atom_id res chain seq x y z
N THR A 4 26.27 27.13 -26.90
CA THR A 4 26.33 27.49 -25.47
C THR A 4 24.94 27.74 -24.87
N LEU A 5 24.76 27.34 -23.59
CA LEU A 5 23.48 27.51 -22.91
C LEU A 5 23.21 28.98 -22.61
N PRO A 6 21.95 29.43 -22.71
CA PRO A 6 21.64 30.85 -22.50
C PRO A 6 22.01 31.29 -21.10
N GLN A 7 22.14 32.61 -20.92
CA GLN A 7 22.60 33.12 -19.62
C GLN A 7 21.54 32.98 -18.55
N LEU A 8 20.26 33.00 -18.93
CA LEU A 8 19.19 32.74 -17.98
C LEU A 8 19.31 31.36 -17.36
N THR A 9 19.68 30.37 -18.16
CA THR A 9 19.73 28.98 -17.73
C THR A 9 21.10 28.43 -18.08
N PRO A 10 22.15 28.83 -17.36
CA PRO A 10 23.53 28.57 -17.79
C PRO A 10 24.07 27.19 -17.43
N THR A 11 23.31 26.39 -16.68
CA THR A 11 23.73 25.06 -16.25
C THR A 11 22.59 24.09 -16.49
N LEU A 12 22.94 22.82 -16.60
CA LEU A 12 21.92 21.81 -16.83
C LEU A 12 21.01 21.65 -15.61
N VAL A 13 21.55 21.82 -14.40
CA VAL A 13 20.66 21.75 -13.25
C VAL A 13 19.63 22.89 -13.28
N SER A 14 20.01 24.07 -13.78
CA SER A 14 19.04 25.16 -13.82
C SER A 14 17.96 24.92 -14.86
N LEU A 15 18.21 24.04 -15.82
CA LEU A 15 17.11 23.59 -16.67
C LEU A 15 16.18 22.61 -15.96
N LEU A 16 16.69 21.78 -15.05
CA LEU A 16 15.81 20.90 -14.29
C LEU A 16 14.93 21.70 -13.34
N GLU A 17 15.47 22.80 -12.80
CA GLU A 17 14.66 23.73 -12.03
C GLU A 17 13.45 24.22 -12.82
N VAL A 18 13.65 24.52 -14.10
CA VAL A 18 12.57 25.10 -14.90
C VAL A 18 11.42 24.12 -15.08
N ILE A 19 11.71 22.81 -15.08
CA ILE A 19 10.67 21.81 -15.33
C ILE A 19 10.09 21.22 -14.05
N GLU A 20 10.53 21.67 -12.88
CA GLU A 20 9.92 21.23 -11.65
C GLU A 20 8.43 21.59 -11.68
N PRO A 21 7.52 20.62 -11.67
CA PRO A 21 6.10 20.98 -11.66
C PRO A 21 5.70 21.67 -10.38
N GLU A 22 4.71 22.56 -10.50
CA GLU A 22 4.08 23.13 -9.33
C GLU A 22 3.46 22.02 -8.48
N VAL A 23 3.44 22.23 -7.17
CA VAL A 23 2.97 21.19 -6.27
C VAL A 23 1.47 20.93 -6.47
N LEU A 24 1.09 19.65 -6.45
CA LEU A 24 -0.31 19.27 -6.54
C LEU A 24 -0.97 19.32 -5.15
N TYR A 25 -2.21 19.79 -5.12
CA TYR A 25 -3.01 19.79 -3.90
C TYR A 25 -3.95 18.60 -3.88
N ALA A 26 -4.16 18.05 -2.69
CA ALA A 26 -4.96 16.84 -2.54
C ALA A 26 -6.46 17.12 -2.66
N GLY A 27 -6.90 18.32 -2.30
CA GLY A 27 -8.32 18.61 -2.21
C GLY A 27 -8.97 18.05 -0.96
N TYR A 28 -8.26 18.06 0.16
CA TYR A 28 -8.70 17.42 1.39
C TYR A 28 -9.28 18.47 2.32
N ASP A 29 -10.45 18.18 2.89
CA ASP A 29 -11.18 19.21 3.63
C ASP A 29 -10.41 19.67 4.87
N GLY A 30 -10.28 18.82 5.88
CA GLY A 30 -9.61 19.23 7.09
C GLY A 30 -10.43 20.11 8.00
N THR A 31 -11.63 20.54 7.56
CA THR A 31 -12.63 21.07 8.46
C THR A 31 -13.30 19.94 9.23
N VAL A 32 -13.58 18.83 8.55
CA VAL A 32 -14.23 17.66 9.12
C VAL A 32 -13.13 16.76 9.70
N PRO A 33 -13.45 15.84 10.61
CA PRO A 33 -12.41 15.05 11.26
C PRO A 33 -11.81 13.99 10.34
N ASP A 34 -10.65 13.50 10.73
CA ASP A 34 -9.91 12.55 9.91
C ASP A 34 -10.42 11.13 10.10
N THR A 35 -10.37 10.36 9.01
CA THR A 35 -10.51 8.91 9.05
C THR A 35 -9.54 8.30 8.06
N THR A 36 -9.03 7.10 8.40
CA THR A 36 -8.21 6.36 7.45
C THR A 36 -8.86 6.27 6.07
N TRP A 37 -10.18 6.07 6.04
CA TRP A 37 -10.87 5.95 4.76
C TRP A 37 -10.78 7.26 3.95
N ARG A 38 -10.93 8.40 4.63
CA ARG A 38 -10.90 9.67 3.90
C ARG A 38 -9.50 9.95 3.36
N ILE A 39 -8.47 9.59 4.13
CA ILE A 39 -7.10 9.84 3.71
C ILE A 39 -6.71 8.97 2.53
N MET A 40 -6.96 7.65 2.64
CA MET A 40 -6.58 6.75 1.56
C MET A 40 -7.34 7.08 0.27
N THR A 41 -8.63 7.38 0.38
CA THR A 41 -9.40 7.67 -0.82
C THR A 41 -8.88 8.93 -1.51
N THR A 42 -8.56 9.96 -0.73
CA THR A 42 -8.06 11.20 -1.28
C THR A 42 -6.65 11.02 -1.84
N LEU A 43 -5.83 10.25 -1.12
CA LEU A 43 -4.47 9.96 -1.52
C LEU A 43 -4.39 9.23 -2.84
N ASN A 44 -5.35 8.33 -3.10
CA ASN A 44 -5.34 7.60 -4.36
C ASN A 44 -5.71 8.53 -5.52
N MET A 45 -6.57 9.52 -5.27
CA MET A 45 -6.84 10.54 -6.26
C MET A 45 -5.59 11.35 -6.57
N LEU A 46 -4.89 11.79 -5.53
CA LEU A 46 -3.64 12.52 -5.66
C LEU A 46 -2.59 11.70 -6.40
N GLY A 47 -2.46 10.43 -6.07
CA GLY A 47 -1.48 9.59 -6.74
C GLY A 47 -1.74 9.48 -8.22
N GLY A 48 -3.02 9.39 -8.62
CA GLY A 48 -3.32 9.30 -10.04
C GLY A 48 -2.86 10.53 -10.81
N ARG A 49 -3.00 11.71 -10.21
CA ARG A 49 -2.59 12.93 -10.88
C ARG A 49 -1.08 13.11 -10.86
N GLN A 50 -0.44 12.77 -9.73
CA GLN A 50 1.01 12.82 -9.63
C GLN A 50 1.69 11.93 -10.67
N VAL A 51 1.09 10.80 -11.00
CA VAL A 51 1.65 9.98 -12.06
C VAL A 51 1.63 10.74 -13.37
N ILE A 52 0.53 11.44 -13.64
CA ILE A 52 0.41 12.16 -14.89
C ILE A 52 1.39 13.32 -14.94
N ALA A 53 1.59 14.01 -13.80
CA ALA A 53 2.57 15.08 -13.73
C ALA A 53 3.99 14.56 -13.78
N ALA A 54 4.21 13.32 -13.33
CA ALA A 54 5.55 12.74 -13.43
C ALA A 54 5.88 12.36 -14.86
N VAL A 55 4.89 11.98 -15.65
CA VAL A 55 5.13 11.64 -17.05
C VAL A 55 5.39 12.91 -17.83
N LYS A 56 4.69 14.00 -17.50
CA LYS A 56 4.93 15.24 -18.21
C LYS A 56 6.31 15.80 -17.86
N TRP A 57 6.73 15.65 -16.60
CA TRP A 57 8.05 16.13 -16.19
C TRP A 57 9.16 15.36 -16.88
N ALA A 58 9.03 14.04 -16.97
CA ALA A 58 10.06 13.24 -17.61
C ALA A 58 10.16 13.58 -19.09
N LYS A 59 9.05 13.92 -19.73
CA LYS A 59 9.09 14.21 -21.15
C LYS A 59 9.72 15.58 -21.42
N ALA A 60 10.02 16.33 -20.37
CA ALA A 60 10.61 17.63 -20.48
C ALA A 60 12.07 17.63 -20.07
N ILE A 61 12.60 16.51 -19.59
CA ILE A 61 14.01 16.45 -19.22
C ILE A 61 14.85 16.53 -20.50
N PRO A 62 15.86 17.40 -20.58
CA PRO A 62 16.73 17.45 -21.77
C PRO A 62 17.36 16.09 -22.00
N GLY A 63 17.11 15.54 -23.19
CA GLY A 63 17.63 14.25 -23.59
C GLY A 63 16.56 13.19 -23.70
N PHE A 64 15.50 13.32 -22.91
CA PHE A 64 14.57 12.20 -22.74
C PHE A 64 13.81 11.91 -24.04
N ARG A 65 13.24 12.95 -24.66
CA ARG A 65 12.49 12.76 -25.91
C ARG A 65 13.35 12.32 -27.09
N ASN A 66 14.69 12.32 -26.96
CA ASN A 66 15.59 11.81 -27.98
C ASN A 66 15.83 10.32 -27.89
N LEU A 67 15.34 9.66 -26.85
CA LEU A 67 15.44 8.22 -26.79
C LEU A 67 14.35 7.58 -27.62
N HIS A 68 14.59 6.35 -28.06
CA HIS A 68 13.54 5.52 -28.65
C HIS A 68 12.31 5.54 -27.76
N LEU A 69 11.12 5.70 -28.36
CA LEU A 69 9.88 5.76 -27.59
C LEU A 69 9.67 4.53 -26.72
N ASP A 70 10.16 3.36 -27.15
CA ASP A 70 10.09 2.20 -26.28
C ASP A 70 10.95 2.40 -25.05
N ASP A 71 12.13 3.01 -25.24
CA ASP A 71 13.01 3.29 -24.11
C ASP A 71 12.35 4.26 -23.13
N GLN A 72 11.62 5.24 -23.65
CA GLN A 72 10.95 6.20 -22.77
C GLN A 72 9.91 5.48 -21.92
N MET A 73 9.10 4.63 -22.55
CA MET A 73 8.06 3.91 -21.81
C MET A 73 8.69 3.00 -20.76
N THR A 74 9.70 2.22 -21.13
CA THR A 74 10.36 1.34 -20.17
C THR A 74 10.91 2.11 -18.97
N LEU A 75 11.51 3.28 -19.18
CA LEU A 75 12.13 3.99 -18.06
C LEU A 75 11.09 4.45 -17.05
N LEU A 76 9.96 4.96 -17.53
CA LEU A 76 8.88 5.40 -16.64
C LEU A 76 8.24 4.20 -15.94
N GLN A 77 8.10 3.10 -16.67
CA GLN A 77 7.52 1.88 -16.12
C GLN A 77 8.32 1.36 -14.93
N TYR A 78 9.65 1.47 -14.98
CA TYR A 78 10.46 0.91 -13.91
C TYR A 78 10.89 1.93 -12.87
N SER A 79 10.30 3.13 -12.88
CA SER A 79 10.78 4.16 -11.97
C SER A 79 9.67 5.05 -11.46
N TRP A 80 8.47 5.00 -12.03
CA TRP A 80 7.47 6.04 -11.76
C TRP A 80 7.13 6.18 -10.28
N MET A 81 6.98 5.07 -9.56
CA MET A 81 6.62 5.20 -8.15
C MET A 81 7.84 5.57 -7.31
N SER A 82 9.02 5.12 -7.70
CA SER A 82 10.24 5.52 -7.01
C SER A 82 10.44 7.04 -7.09
N LEU A 83 10.10 7.63 -8.23
CA LEU A 83 10.20 9.08 -8.41
C LEU A 83 9.23 9.83 -7.51
N MET A 84 8.00 9.34 -7.39
CA MET A 84 6.99 9.97 -6.54
C MET A 84 7.34 9.84 -5.06
N ALA A 85 7.84 8.67 -4.67
CA ALA A 85 8.35 8.50 -3.33
C ALA A 85 9.55 9.40 -3.06
N PHE A 86 10.43 9.58 -4.05
CA PHE A 86 11.60 10.43 -3.85
C PHE A 86 11.21 11.89 -3.68
N ALA A 87 10.31 12.37 -4.55
CA ALA A 87 9.75 13.70 -4.41
C ALA A 87 9.02 13.86 -3.08
N LEU A 88 8.31 12.81 -2.65
CA LEU A 88 7.62 12.85 -1.37
C LEU A 88 8.61 13.01 -0.22
N GLY A 89 9.66 12.18 -0.20
CA GLY A 89 10.68 12.31 0.81
C GLY A 89 11.22 13.73 0.91
N TRP A 90 11.43 14.38 -0.24
CA TRP A 90 12.02 15.72 -0.27
C TRP A 90 11.06 16.76 0.28
N ARG A 91 9.80 16.74 -0.16
CA ARG A 91 8.78 17.60 0.43
C ARG A 91 8.67 17.40 1.93
N SER A 92 8.75 16.15 2.39
CA SER A 92 8.67 15.88 3.82
C SER A 92 9.86 16.50 4.53
N TYR A 93 11.07 16.23 4.03
CA TYR A 93 12.30 16.79 4.57
C TYR A 93 12.21 18.30 4.76
N ARG A 94 11.70 19.00 3.76
CA ARG A 94 11.64 20.47 3.80
C ARG A 94 10.61 21.01 4.77
N GLN A 95 9.64 20.19 5.18
CA GLN A 95 8.53 20.64 6.02
C GLN A 95 8.62 20.13 7.47
N GLY A 98 10.65 17.42 11.80
CA GLY A 98 9.75 16.38 12.29
C GLY A 98 9.49 15.26 11.30
N ASN A 99 9.22 14.05 11.82
CA ASN A 99 9.05 12.84 11.01
C ASN A 99 7.61 12.76 10.49
N VAL A 100 7.33 13.57 9.46
CA VAL A 100 6.03 13.65 8.82
C VAL A 100 6.13 13.17 7.38
N LEU A 101 4.96 12.83 6.81
CA LEU A 101 4.86 12.50 5.38
C LEU A 101 3.99 13.55 4.69
N CYS A 102 4.64 14.44 3.93
CA CYS A 102 3.98 15.58 3.33
C CYS A 102 3.52 15.20 1.92
N PHE A 103 2.38 14.51 1.85
CA PHE A 103 1.88 14.09 0.55
C PHE A 103 1.50 15.30 -0.30
N ALA A 104 0.99 16.33 0.35
CA ALA A 104 0.55 17.57 -0.29
C ALA A 104 0.50 18.63 0.78
N PRO A 105 0.47 19.91 0.41
CA PRO A 105 0.35 20.97 1.43
C PRO A 105 -0.93 20.84 2.26
N ASP A 106 -2.00 20.29 1.69
CA ASP A 106 -3.26 20.11 2.39
C ASP A 106 -3.47 18.67 2.84
N LEU A 107 -2.43 17.86 2.85
CA LEU A 107 -2.53 16.48 3.28
C LEU A 107 -1.20 16.01 3.83
N ILE A 108 -0.92 16.34 5.10
CA ILE A 108 0.32 15.96 5.76
C ILE A 108 0.00 14.94 6.84
N ILE A 109 0.75 13.85 6.85
CA ILE A 109 0.54 12.78 7.83
C ILE A 109 1.51 13.06 8.97
N ASN A 110 1.03 13.80 9.96
CA ASN A 110 1.81 14.07 11.17
C ASN A 110 1.76 12.85 12.08
N GLU A 111 2.31 12.98 13.30
CA GLU A 111 2.35 11.83 14.19
C GLU A 111 0.96 11.35 14.58
N GLN A 112 0.00 12.28 14.71
CA GLN A 112 -1.37 11.91 15.06
C GLN A 112 -2.00 11.04 13.96
N ARG A 113 -2.12 11.58 12.75
CA ARG A 113 -2.70 10.82 11.64
C ARG A 113 -1.95 9.52 11.39
N MET A 114 -0.69 9.43 11.81
CA MET A 114 0.07 8.22 11.63
C MET A 114 -0.46 7.09 12.50
N GLY A 115 -1.15 7.44 13.59
CA GLY A 115 -1.73 6.49 14.50
C GLY A 115 -3.14 6.08 14.18
N LEU A 116 -3.75 6.70 13.16
CA LEU A 116 -5.02 6.23 12.66
C LEU A 116 -4.86 4.79 12.19
N PRO A 117 -5.92 3.98 12.33
CA PRO A 117 -5.81 2.56 12.02
C PRO A 117 -5.30 2.32 10.60
N TYR A 118 -4.45 1.33 10.45
CA TYR A 118 -3.89 0.91 9.17
C TYR A 118 -2.97 1.95 8.53
N MET A 119 -2.73 3.09 9.19
CA MET A 119 -2.02 4.19 8.52
C MET A 119 -0.51 4.05 8.63
N TYR A 120 -0.01 3.87 9.85
CA TYR A 120 1.43 3.69 10.05
C TYR A 120 1.96 2.52 9.23
N ASP A 121 1.22 1.42 9.17
CA ASP A 121 1.74 0.24 8.49
C ASP A 121 1.78 0.43 6.98
N GLN A 122 0.85 1.21 6.42
CA GLN A 122 0.92 1.61 5.02
C GLN A 122 1.99 2.67 4.75
N CYS A 123 2.41 3.42 5.77
CA CYS A 123 3.32 4.55 5.59
C CYS A 123 4.77 4.25 5.92
N LYS A 124 5.03 3.29 6.82
CA LYS A 124 6.31 3.23 7.52
C LYS A 124 7.51 3.22 6.58
N GLN A 125 7.40 2.50 5.46
CA GLN A 125 8.52 2.37 4.55
C GLN A 125 9.00 3.74 4.05
N MET A 126 8.04 4.58 3.64
CA MET A 126 8.34 5.87 3.02
C MET A 126 9.09 6.83 3.95
N LEU A 127 9.06 6.59 5.27
CA LEU A 127 9.79 7.46 6.19
C LEU A 127 11.29 7.36 5.98
N PHE A 128 11.77 6.27 5.39
CA PHE A 128 13.19 6.13 5.12
C PHE A 128 13.72 7.31 4.30
N VAL A 129 13.03 7.67 3.22
CA VAL A 129 13.56 8.64 2.27
C VAL A 129 13.84 9.98 2.96
N SER A 130 12.86 10.51 3.67
CA SER A 130 13.06 11.78 4.36
C SER A 130 14.19 11.72 5.38
N SER A 131 14.39 10.56 6.02
CA SER A 131 15.44 10.46 7.04
C SER A 131 16.83 10.53 6.43
N GLU A 132 17.00 9.89 5.27
CA GLU A 132 18.29 9.92 4.58
C GLU A 132 18.59 11.31 4.04
N LEU A 133 17.61 11.93 3.38
CA LEU A 133 17.78 13.29 2.88
C LEU A 133 18.10 14.25 4.02
N LYS A 134 17.44 14.08 5.17
CA LYS A 134 17.77 14.90 6.34
C LYS A 134 19.14 14.52 6.91
N ARG A 135 19.44 13.22 6.96
CA ARG A 135 20.75 12.81 7.47
C ARG A 135 21.88 13.37 6.62
N LEU A 136 21.71 13.42 5.30
CA LEU A 136 22.76 13.86 4.39
C LEU A 136 22.70 15.34 4.06
N GLN A 137 21.64 16.05 4.48
CA GLN A 137 21.52 17.48 4.27
C GLN A 137 21.62 17.83 2.79
N VAL A 138 20.79 17.15 1.99
CA VAL A 138 20.85 17.26 0.54
C VAL A 138 20.37 18.63 0.10
N SER A 139 21.09 19.24 -0.83
CA SER A 139 20.70 20.53 -1.37
C SER A 139 19.68 20.38 -2.51
N TYR A 140 18.91 21.43 -2.74
CA TYR A 140 17.92 21.41 -3.82
C TYR A 140 18.54 20.98 -5.14
N GLU A 141 19.78 21.42 -5.41
CA GLU A 141 20.40 21.13 -6.69
C GLU A 141 20.87 19.68 -6.75
N GLU A 142 21.44 19.18 -5.66
CA GLU A 142 21.69 17.74 -5.55
C GLU A 142 20.41 16.94 -5.73
N TYR A 143 19.29 17.43 -5.18
CA TYR A 143 18.03 16.70 -5.27
C TYR A 143 17.56 16.60 -6.71
N LEU A 144 17.62 17.70 -7.46
CA LEU A 144 17.16 17.70 -8.85
C LEU A 144 17.99 16.77 -9.72
N CYS A 145 19.31 16.74 -9.49
CA CYS A 145 20.15 15.82 -10.24
C CYS A 145 19.80 14.39 -9.89
N MET A 146 19.79 14.06 -8.60
CA MET A 146 19.42 12.73 -8.13
C MET A 146 18.09 12.25 -8.70
N LYS A 147 17.09 13.14 -8.73
CA LYS A 147 15.76 12.74 -9.21
C LYS A 147 15.79 12.36 -10.68
N THR A 148 16.53 13.10 -11.49
CA THR A 148 16.64 12.77 -12.90
C THR A 148 17.41 11.46 -13.10
N LEU A 149 18.48 11.28 -12.34
CA LEU A 149 19.27 10.05 -12.36
C LEU A 149 18.47 8.85 -11.91
N LEU A 150 17.57 9.03 -10.94
CA LEU A 150 16.68 7.93 -10.56
C LEU A 150 15.92 7.42 -11.78
N LEU A 151 15.40 8.34 -12.60
CA LEU A 151 14.76 7.97 -13.86
C LEU A 151 15.75 7.28 -14.81
N PHE A 152 17.00 7.78 -14.89
CA PHE A 152 17.96 7.24 -15.85
C PHE A 152 18.81 6.10 -15.31
N SER A 153 18.44 5.50 -14.17
CA SER A 153 19.18 4.33 -13.71
C SER A 153 18.22 3.19 -13.35
N SER A 154 16.98 3.25 -13.81
CA SER A 154 16.01 2.22 -13.43
C SER A 154 16.12 0.95 -14.26
N VAL A 155 16.85 0.98 -15.37
CA VAL A 155 16.97 -0.14 -16.30
C VAL A 155 18.41 -0.20 -16.79
N PRO A 156 18.98 -1.39 -16.98
CA PRO A 156 20.30 -1.48 -17.60
C PRO A 156 20.25 -0.97 -19.04
N LYS A 157 21.30 -0.25 -19.46
CA LYS A 157 21.33 0.26 -20.83
C LYS A 157 21.27 -0.86 -21.84
N GLU A 158 21.79 -2.04 -21.49
CA GLU A 158 21.89 -3.16 -22.42
C GLU A 158 20.53 -3.73 -22.79
N GLY A 159 19.48 -3.38 -22.05
CA GLY A 159 18.14 -3.78 -22.38
C GLY A 159 17.35 -2.65 -22.99
N LEU A 160 18.03 -1.72 -23.66
CA LEU A 160 17.41 -0.57 -24.29
C LEU A 160 17.72 -0.56 -25.78
N LYS A 161 16.92 0.21 -26.52
CA LYS A 161 17.14 0.35 -27.96
C LYS A 161 18.20 1.41 -28.28
N SER A 162 18.20 2.53 -27.55
CA SER A 162 19.20 3.58 -27.75
C SER A 162 20.32 3.46 -26.73
N GLN A 163 21.04 2.33 -26.75
CA GLN A 163 22.05 2.04 -25.73
C GLN A 163 23.09 3.16 -25.61
N GLU A 164 23.65 3.60 -26.74
CA GLU A 164 24.75 4.57 -26.67
C GLU A 164 24.24 5.95 -26.27
N LEU A 165 23.14 6.39 -26.86
CA LEU A 165 22.60 7.69 -26.50
C LEU A 165 22.19 7.75 -25.03
N PHE A 166 21.55 6.68 -24.54
CA PHE A 166 21.18 6.60 -23.13
C PHE A 166 22.40 6.73 -22.23
N ASP A 167 23.47 6.00 -22.55
CA ASP A 167 24.66 6.06 -21.73
C ASP A 167 25.23 7.48 -21.69
N GLU A 168 25.18 8.19 -22.81
CA GLU A 168 25.77 9.52 -22.85
C GLU A 168 24.95 10.50 -22.06
N ILE A 169 23.62 10.47 -22.25
CA ILE A 169 22.72 11.31 -21.47
C ILE A 169 22.88 11.02 -19.99
N ARG A 170 22.95 9.75 -19.61
CA ARG A 170 23.10 9.41 -18.21
C ARG A 170 24.40 9.96 -17.64
N MET A 171 25.49 9.88 -18.41
CA MET A 171 26.76 10.37 -17.91
C MET A 171 26.74 11.90 -17.76
N THR A 172 26.06 12.59 -18.66
CA THR A 172 25.84 14.02 -18.51
C THR A 172 25.22 14.36 -17.14
N TYR A 173 24.16 13.64 -16.77
CA TYR A 173 23.49 13.93 -15.50
C TYR A 173 24.32 13.51 -14.29
N ILE A 174 25.10 12.43 -14.39
CA ILE A 174 26.05 12.11 -13.32
C ILE A 174 27.06 13.23 -13.12
N LYS A 175 27.59 13.79 -14.22
CA LYS A 175 28.49 14.94 -14.09
C LYS A 175 27.77 16.14 -13.47
N GLU A 176 26.49 16.34 -13.82
CA GLU A 176 25.75 17.46 -13.24
C GLU A 176 25.61 17.29 -11.73
N LEU A 177 25.39 16.04 -11.28
CA LEU A 177 25.39 15.78 -9.84
C LEU A 177 26.74 16.10 -9.22
N GLY A 178 27.83 15.61 -9.83
CA GLY A 178 29.16 15.96 -9.32
C GLY A 178 29.34 17.45 -9.11
N LYS A 179 28.83 18.26 -10.05
CA LYS A 179 28.95 19.71 -9.94
C LYS A 179 28.03 20.29 -8.86
N ALA A 180 26.84 19.71 -8.64
CA ALA A 180 26.06 20.13 -7.48
C ALA A 180 26.77 19.79 -6.17
N ILE A 181 27.42 18.63 -6.11
CA ILE A 181 28.20 18.26 -4.92
C ILE A 181 29.31 19.27 -4.69
N VAL A 182 30.03 19.63 -5.75
CA VAL A 182 31.18 20.52 -5.60
C VAL A 182 30.73 21.92 -5.22
N LYS A 183 29.59 22.35 -5.78
CA LYS A 183 29.14 23.72 -5.55
C LYS A 183 28.92 24.00 -4.06
N ARG A 184 28.33 23.05 -3.33
CA ARG A 184 28.06 23.28 -1.90
C ARG A 184 29.29 23.01 -1.04
N GLU A 185 29.87 21.81 -1.17
CA GLU A 185 30.95 21.41 -0.27
C GLU A 185 32.32 21.94 -0.72
N GLY A 186 32.46 22.38 -1.97
CA GLY A 186 33.76 22.76 -2.46
C GLY A 186 34.66 21.57 -2.69
N ASN A 187 35.77 21.78 -3.41
CA ASN A 187 36.73 20.72 -3.68
C ASN A 187 37.30 20.17 -2.37
N SER A 188 37.17 18.86 -2.18
CA SER A 188 37.64 18.21 -0.96
C SER A 188 37.92 16.75 -1.24
N SER A 189 38.68 16.14 -0.33
CA SER A 189 38.80 14.69 -0.32
C SER A 189 37.46 14.03 0.00
N GLN A 190 36.56 14.74 0.67
CA GLN A 190 35.26 14.20 1.02
C GLN A 190 34.23 14.34 -0.09
N ASN A 191 34.58 14.94 -1.23
CA ASN A 191 33.64 15.04 -2.34
C ASN A 191 33.26 13.65 -2.89
N TRP A 192 34.24 12.76 -3.00
CA TRP A 192 33.92 11.41 -3.46
C TRP A 192 33.08 10.66 -2.43
N GLN A 193 33.33 10.89 -1.14
CA GLN A 193 32.51 10.24 -0.12
C GLN A 193 31.06 10.66 -0.25
N ARG A 194 30.81 11.98 -0.35
CA ARG A 194 29.45 12.46 -0.54
C ARG A 194 28.85 11.88 -1.81
N PHE A 195 29.67 11.67 -2.84
CA PHE A 195 29.14 11.17 -4.10
C PHE A 195 28.73 9.71 -3.97
N TYR A 196 29.50 8.93 -3.22
CA TYR A 196 29.11 7.55 -2.94
C TYR A 196 27.83 7.52 -2.13
N GLN A 197 27.76 8.31 -1.06
CA GLN A 197 26.56 8.35 -0.22
C GLN A 197 25.31 8.68 -1.03
N LEU A 198 25.38 9.68 -1.91
CA LEU A 198 24.18 10.08 -2.63
C LEU A 198 23.77 9.06 -3.68
N THR A 199 24.73 8.33 -4.25
CA THR A 199 24.38 7.33 -5.25
C THR A 199 24.02 5.99 -4.64
N LYS A 200 24.60 5.64 -3.49
CA LYS A 200 24.07 4.49 -2.73
C LYS A 200 22.61 4.72 -2.38
N LEU A 201 22.27 5.96 -2.00
CA LEU A 201 20.88 6.28 -1.71
C LEU A 201 19.99 6.02 -2.92
N LEU A 202 20.47 6.36 -4.12
CA LEU A 202 19.71 6.09 -5.35
C LEU A 202 19.54 4.60 -5.60
N ASP A 203 20.48 3.76 -5.16
CA ASP A 203 20.35 2.33 -5.39
C ASP A 203 19.25 1.72 -4.53
N SER A 204 19.11 2.21 -3.29
CA SER A 204 18.00 1.82 -2.44
C SER A 204 16.66 2.11 -3.13
N MET A 205 16.49 3.33 -3.64
CA MET A 205 15.21 3.75 -4.20
C MET A 205 14.77 2.88 -5.37
N HIS A 206 15.65 2.07 -5.94
CA HIS A 206 15.28 1.16 -7.00
C HIS A 206 15.07 -0.25 -6.51
N GLU A 207 15.39 -0.50 -5.25
CA GLU A 207 15.16 -1.82 -4.71
C GLU A 207 13.65 -2.08 -4.60
N ASN A 208 13.29 -3.36 -4.64
CA ASN A 208 11.90 -3.82 -4.51
C ASN A 208 11.03 -3.36 -5.68
N VAL A 209 11.64 -3.12 -6.83
CA VAL A 209 10.86 -2.78 -8.02
C VAL A 209 10.45 -4.03 -8.78
N THR A 210 11.40 -4.91 -9.09
CA THR A 210 11.09 -6.11 -9.88
C THR A 210 11.84 -7.32 -9.33
N THR B 4 -36.46 -20.99 19.59
CA THR B 4 -35.31 -21.65 18.98
C THR B 4 -35.16 -21.35 17.48
N LEU B 5 -33.96 -21.60 16.95
CA LEU B 5 -33.65 -21.30 15.56
C LEU B 5 -34.43 -22.19 14.60
N PRO B 6 -34.98 -21.63 13.52
CA PRO B 6 -35.76 -22.45 12.57
C PRO B 6 -34.90 -23.55 11.96
N GLN B 7 -35.58 -24.54 11.38
CA GLN B 7 -34.85 -25.68 10.83
C GLN B 7 -34.08 -25.33 9.57
N LEU B 8 -34.49 -24.28 8.86
CA LEU B 8 -33.72 -23.84 7.68
C LEU B 8 -32.34 -23.33 8.06
N THR B 9 -32.22 -22.70 9.21
CA THR B 9 -30.95 -22.15 9.69
C THR B 9 -30.81 -22.49 11.15
N PRO B 10 -30.43 -23.73 11.46
CA PRO B 10 -30.54 -24.23 12.84
C PRO B 10 -29.35 -23.90 13.73
N THR B 11 -28.28 -23.36 13.16
CA THR B 11 -27.06 -23.03 13.88
C THR B 11 -26.68 -21.58 13.58
N LEU B 12 -25.97 -20.98 14.52
CA LEU B 12 -25.52 -19.61 14.32
C LEU B 12 -24.59 -19.52 13.11
N VAL B 13 -23.81 -20.57 12.83
CA VAL B 13 -22.91 -20.49 11.69
C VAL B 13 -23.70 -20.48 10.38
N SER B 14 -24.87 -21.12 10.35
CA SER B 14 -25.65 -21.10 9.11
C SER B 14 -26.32 -19.77 8.88
N LEU B 15 -26.49 -18.96 9.93
CA LEU B 15 -26.91 -17.60 9.70
C LEU B 15 -25.77 -16.75 9.13
N LEU B 16 -24.54 -17.00 9.57
CA LEU B 16 -23.41 -16.27 8.99
C LEU B 16 -23.22 -16.66 7.53
N GLU B 17 -23.61 -17.88 7.17
CA GLU B 17 -23.53 -18.28 5.77
C GLU B 17 -24.58 -17.57 4.94
N VAL B 18 -25.71 -17.22 5.54
CA VAL B 18 -26.79 -16.54 4.82
C VAL B 18 -26.39 -15.10 4.48
N ILE B 19 -25.53 -14.48 5.29
CA ILE B 19 -25.18 -13.07 5.09
C ILE B 19 -23.87 -12.89 4.33
N GLU B 20 -23.19 -13.96 3.94
CA GLU B 20 -22.03 -13.85 3.07
C GLU B 20 -22.42 -13.13 1.78
N PRO B 21 -21.80 -11.99 1.47
CA PRO B 21 -22.13 -11.30 0.22
C PRO B 21 -21.64 -12.03 -1.02
N GLU B 22 -22.30 -11.73 -2.13
CA GLU B 22 -21.80 -12.21 -3.42
C GLU B 22 -20.45 -11.57 -3.69
N VAL B 23 -19.54 -12.33 -4.30
CA VAL B 23 -18.22 -11.79 -4.58
C VAL B 23 -18.34 -10.61 -5.55
N LEU B 24 -17.54 -9.58 -5.31
CA LEU B 24 -17.50 -8.43 -6.22
C LEU B 24 -16.54 -8.69 -7.37
N TYR B 25 -16.90 -8.19 -8.55
CA TYR B 25 -16.01 -8.21 -9.70
C TYR B 25 -15.30 -6.87 -9.82
N ALA B 26 -14.04 -6.93 -10.27
CA ALA B 26 -13.19 -5.75 -10.34
C ALA B 26 -13.52 -4.86 -11.53
N GLY B 27 -14.04 -5.43 -12.61
CA GLY B 27 -14.23 -4.70 -13.84
C GLY B 27 -13.02 -4.64 -14.73
N TYR B 28 -12.07 -5.56 -14.56
CA TYR B 28 -10.78 -5.49 -15.23
C TYR B 28 -10.90 -6.03 -16.64
N ASP B 29 -10.19 -5.41 -17.58
CA ASP B 29 -10.33 -5.82 -18.96
C ASP B 29 -9.77 -7.23 -19.18
N GLY B 30 -8.44 -7.38 -19.15
CA GLY B 30 -7.85 -8.67 -19.42
C GLY B 30 -7.75 -9.03 -20.88
N THR B 31 -8.46 -8.30 -21.75
CA THR B 31 -8.20 -8.38 -23.19
C THR B 31 -6.88 -7.69 -23.53
N VAL B 32 -6.65 -6.52 -22.95
CA VAL B 32 -5.47 -5.68 -23.17
C VAL B 32 -4.39 -6.07 -22.17
N PRO B 33 -3.13 -5.69 -22.36
CA PRO B 33 -2.07 -6.17 -21.49
C PRO B 33 -2.06 -5.47 -20.12
N ASP B 34 -1.47 -6.16 -19.14
CA ASP B 34 -1.43 -5.67 -17.79
C ASP B 34 -0.36 -4.59 -17.61
N THR B 35 -0.67 -3.60 -16.78
CA THR B 35 0.34 -2.71 -16.22
C THR B 35 0.04 -2.54 -14.74
N THR B 36 1.10 -2.38 -13.94
CA THR B 36 0.93 -2.04 -12.52
C THR B 36 -0.10 -0.92 -12.34
N TRP B 37 -0.04 0.10 -13.21
CA TRP B 37 -0.96 1.21 -13.11
C TRP B 37 -2.42 0.75 -13.28
N ARG B 38 -2.68 -0.14 -14.25
CA ARG B 38 -4.05 -0.58 -14.47
C ARG B 38 -4.55 -1.39 -13.28
N ILE B 39 -3.68 -2.22 -12.72
CA ILE B 39 -4.06 -3.08 -11.60
C ILE B 39 -4.37 -2.25 -10.36
N MET B 40 -3.47 -1.33 -10.01
CA MET B 40 -3.68 -0.52 -8.81
C MET B 40 -4.90 0.38 -8.95
N THR B 41 -5.14 0.90 -10.15
CA THR B 41 -6.27 1.81 -10.32
C THR B 41 -7.59 1.06 -10.21
N THR B 42 -7.63 -0.15 -10.77
CA THR B 42 -8.79 -1.00 -10.67
C THR B 42 -8.96 -1.53 -9.26
N LEU B 43 -7.84 -1.89 -8.63
CA LEU B 43 -7.85 -2.43 -7.29
C LEU B 43 -8.37 -1.42 -6.29
N ASN B 44 -8.06 -0.15 -6.49
CA ASN B 44 -8.54 0.88 -5.57
C ASN B 44 -10.04 1.09 -5.71
N MET B 45 -10.55 1.03 -6.94
CA MET B 45 -12.00 1.10 -7.12
C MET B 45 -12.68 -0.10 -6.46
N LEU B 46 -12.09 -1.28 -6.59
CA LEU B 46 -12.65 -2.48 -6.01
C LEU B 46 -12.65 -2.42 -4.48
N GLY B 47 -11.55 -1.94 -3.89
CA GLY B 47 -11.48 -1.83 -2.44
C GLY B 47 -12.50 -0.83 -1.90
N GLY B 48 -12.78 0.23 -2.66
CA GLY B 48 -13.79 1.19 -2.24
C GLY B 48 -15.17 0.57 -2.12
N ARG B 49 -15.50 -0.37 -3.00
CA ARG B 49 -16.80 -1.03 -2.95
C ARG B 49 -16.83 -2.16 -1.92
N GLN B 50 -15.70 -2.86 -1.73
CA GLN B 50 -15.61 -3.91 -0.73
C GLN B 50 -15.75 -3.36 0.68
N VAL B 51 -15.30 -2.12 0.91
CA VAL B 51 -15.53 -1.50 2.23
C VAL B 51 -17.02 -1.32 2.44
N ILE B 52 -17.72 -0.82 1.42
CA ILE B 52 -19.15 -0.62 1.52
C ILE B 52 -19.86 -1.94 1.77
N ALA B 53 -19.40 -3.00 1.09
CA ALA B 53 -20.00 -4.33 1.27
C ALA B 53 -19.69 -4.89 2.65
N ALA B 54 -18.51 -4.61 3.18
CA ALA B 54 -18.16 -5.10 4.51
C ALA B 54 -18.95 -4.40 5.61
N VAL B 55 -19.35 -3.15 5.41
CA VAL B 55 -20.21 -2.50 6.38
C VAL B 55 -21.61 -3.09 6.30
N LYS B 56 -22.06 -3.38 5.08
CA LYS B 56 -23.34 -4.04 4.90
C LYS B 56 -23.32 -5.41 5.59
N TRP B 57 -22.23 -6.16 5.45
CA TRP B 57 -22.16 -7.48 6.09
C TRP B 57 -22.13 -7.38 7.60
N ALA B 58 -21.34 -6.45 8.15
CA ALA B 58 -21.26 -6.36 9.60
C ALA B 58 -22.62 -6.00 10.21
N LYS B 59 -23.41 -5.20 9.51
CA LYS B 59 -24.66 -4.73 10.06
C LYS B 59 -25.73 -5.81 10.02
N ALA B 60 -25.42 -6.93 9.37
CA ALA B 60 -26.27 -8.08 9.29
C ALA B 60 -25.86 -9.18 10.24
N ILE B 61 -24.71 -9.05 10.91
CA ILE B 61 -24.30 -10.08 11.87
C ILE B 61 -25.27 -10.07 13.05
N PRO B 62 -25.83 -11.22 13.43
CA PRO B 62 -26.75 -11.26 14.59
C PRO B 62 -26.04 -10.78 15.84
N GLY B 63 -26.62 -9.78 16.48
CA GLY B 63 -26.05 -9.16 17.66
C GLY B 63 -25.44 -7.80 17.38
N PHE B 64 -24.94 -7.59 16.17
CA PHE B 64 -24.18 -6.37 15.88
C PHE B 64 -25.05 -5.13 16.02
N ARG B 65 -26.22 -5.12 15.40
CA ARG B 65 -27.11 -3.95 15.46
C ARG B 65 -27.64 -3.66 16.86
N ASN B 66 -27.45 -4.56 17.83
CA ASN B 66 -27.84 -4.34 19.22
C ASN B 66 -26.76 -3.65 20.04
N LEU B 67 -25.56 -3.46 19.49
CA LEU B 67 -24.58 -2.66 20.18
C LEU B 67 -24.89 -1.17 20.00
N HIS B 68 -24.45 -0.36 20.96
CA HIS B 68 -24.48 1.08 20.79
C HIS B 68 -23.88 1.46 19.44
N LEU B 69 -24.50 2.43 18.75
CA LEU B 69 -24.05 2.79 17.41
C LEU B 69 -22.60 3.27 17.42
N ASP B 70 -22.14 3.84 18.53
CA ASP B 70 -20.72 4.20 18.62
C ASP B 70 -19.84 2.96 18.68
N ASP B 71 -20.32 1.92 19.36
CA ASP B 71 -19.58 0.66 19.40
C ASP B 71 -19.50 0.04 18.01
N GLN B 72 -20.59 0.12 17.25
CA GLN B 72 -20.60 -0.46 15.91
C GLN B 72 -19.59 0.25 15.02
N MET B 73 -19.57 1.58 15.07
CA MET B 73 -18.62 2.35 14.29
C MET B 73 -17.18 2.08 14.75
N THR B 74 -16.94 2.10 16.06
CA THR B 74 -15.60 1.80 16.56
C THR B 74 -15.09 0.44 16.06
N LEU B 75 -15.96 -0.59 16.05
CA LEU B 75 -15.47 -1.92 15.69
C LEU B 75 -15.08 -1.99 14.22
N LEU B 76 -15.85 -1.32 13.36
CA LEU B 76 -15.54 -1.27 11.93
C LEU B 76 -14.28 -0.45 11.66
N GLN B 77 -14.17 0.69 12.34
CA GLN B 77 -12.99 1.53 12.27
C GLN B 77 -11.72 0.73 12.54
N TYR B 78 -11.74 -0.19 13.50
CA TYR B 78 -10.52 -0.88 13.90
C TYR B 78 -10.36 -2.27 13.26
N SER B 79 -11.16 -2.61 12.25
CA SER B 79 -11.07 -3.97 11.74
C SER B 79 -11.37 -4.07 10.26
N TRP B 80 -11.83 -2.97 9.65
CA TRP B 80 -12.37 -3.06 8.29
C TRP B 80 -11.34 -3.62 7.30
N MET B 81 -10.10 -3.14 7.33
CA MET B 81 -9.13 -3.65 6.37
C MET B 81 -8.66 -5.04 6.74
N SER B 82 -8.58 -5.34 8.03
CA SER B 82 -8.24 -6.69 8.46
C SER B 82 -9.30 -7.70 8.00
N LEU B 83 -10.58 -7.32 8.03
CA LEU B 83 -11.64 -8.18 7.51
C LEU B 83 -11.47 -8.42 6.01
N MET B 84 -11.14 -7.36 5.26
CA MET B 84 -10.99 -7.50 3.81
C MET B 84 -9.77 -8.35 3.45
N ALA B 85 -8.69 -8.18 4.19
CA ALA B 85 -7.53 -9.04 3.97
C ALA B 85 -7.83 -10.49 4.30
N PHE B 86 -8.66 -10.75 5.32
CA PHE B 86 -8.98 -12.12 5.71
C PHE B 86 -9.83 -12.80 4.65
N ALA B 87 -10.88 -12.11 4.18
CA ALA B 87 -11.65 -12.59 3.05
C ALA B 87 -10.76 -12.83 1.84
N LEU B 88 -9.80 -11.93 1.61
CA LEU B 88 -8.89 -12.09 0.48
C LEU B 88 -8.06 -13.36 0.62
N GLY B 89 -7.51 -13.59 1.81
CA GLY B 89 -6.75 -14.81 2.03
C GLY B 89 -7.58 -16.04 1.77
N TRP B 90 -8.88 -16.01 2.14
CA TRP B 90 -9.74 -17.18 1.95
C TRP B 90 -9.98 -17.45 0.48
N ARG B 91 -10.43 -16.43 -0.26
CA ARG B 91 -10.58 -16.55 -1.71
C ARG B 91 -9.33 -17.10 -2.38
N SER B 92 -8.17 -16.56 -1.99
CA SER B 92 -6.91 -17.00 -2.58
C SER B 92 -6.69 -18.47 -2.33
N TYR B 93 -6.74 -18.85 -1.05
CA TYR B 93 -6.69 -20.23 -0.57
C TYR B 93 -7.55 -21.17 -1.40
N ARG B 94 -8.78 -20.77 -1.72
CA ARG B 94 -9.72 -21.64 -2.42
C ARG B 94 -9.37 -21.87 -3.89
N GLN B 95 -8.46 -21.09 -4.47
CA GLN B 95 -7.99 -21.35 -5.84
C GLN B 95 -6.67 -22.12 -5.89
N GLY B 98 -1.53 -22.99 -5.18
CA GLY B 98 -1.02 -21.73 -5.68
C GLY B 98 -0.50 -20.75 -4.63
N ASN B 99 0.17 -19.70 -5.09
CA ASN B 99 0.61 -18.56 -4.27
C ASN B 99 0.12 -17.26 -4.90
N VAL B 100 -1.18 -17.22 -5.15
CA VAL B 100 -1.85 -16.13 -5.86
C VAL B 100 -2.60 -15.26 -4.86
N LEU B 101 -2.92 -14.03 -5.29
CA LEU B 101 -3.81 -13.14 -4.56
C LEU B 101 -5.07 -12.95 -5.40
N CYS B 102 -6.18 -13.52 -4.93
CA CYS B 102 -7.43 -13.51 -5.67
C CYS B 102 -8.26 -12.32 -5.19
N PHE B 103 -7.91 -11.14 -5.69
CA PHE B 103 -8.66 -9.95 -5.29
C PHE B 103 -10.10 -10.06 -5.74
N ALA B 104 -10.32 -10.57 -6.94
CA ALA B 104 -11.62 -10.72 -7.55
C ALA B 104 -11.51 -11.87 -8.53
N PRO B 105 -12.64 -12.41 -9.00
CA PRO B 105 -12.53 -13.50 -10.01
C PRO B 105 -11.93 -13.02 -11.32
N ASP B 106 -12.18 -11.78 -11.71
CA ASP B 106 -11.59 -11.17 -12.89
C ASP B 106 -10.33 -10.37 -12.59
N LEU B 107 -9.71 -10.61 -11.44
CA LEU B 107 -8.47 -9.93 -11.11
C LEU B 107 -7.64 -10.75 -10.12
N ILE B 108 -6.89 -11.71 -10.65
CA ILE B 108 -6.04 -12.57 -9.84
C ILE B 108 -4.59 -12.20 -10.10
N ILE B 109 -3.84 -12.01 -9.02
CA ILE B 109 -2.43 -11.64 -9.11
C ILE B 109 -1.63 -12.94 -9.03
N ASN B 110 -1.36 -13.54 -10.20
CA ASN B 110 -0.58 -14.77 -10.27
C ASN B 110 0.90 -14.43 -10.15
N GLU B 111 1.76 -15.44 -10.34
CA GLU B 111 3.19 -15.22 -10.18
C GLU B 111 3.72 -14.20 -11.19
N GLN B 112 3.24 -14.26 -12.44
CA GLN B 112 3.65 -13.31 -13.45
C GLN B 112 3.31 -11.88 -13.06
N ARG B 113 2.02 -11.61 -12.80
CA ARG B 113 1.61 -10.27 -12.39
C ARG B 113 2.31 -9.83 -11.11
N MET B 114 2.78 -10.77 -10.29
CA MET B 114 3.49 -10.41 -9.09
C MET B 114 4.83 -9.75 -9.40
N GLY B 115 5.36 -10.00 -10.60
CA GLY B 115 6.65 -9.47 -10.99
C GLY B 115 6.60 -8.16 -11.74
N LEU B 116 5.40 -7.69 -12.07
CA LEU B 116 5.24 -6.33 -12.55
C LEU B 116 5.85 -5.38 -11.53
N PRO B 117 6.37 -4.22 -11.98
CA PRO B 117 7.07 -3.32 -11.06
C PRO B 117 6.17 -2.85 -9.95
N TYR B 118 6.74 -2.78 -8.74
CA TYR B 118 6.09 -2.29 -7.53
C TYR B 118 4.97 -3.21 -7.06
N MET B 119 4.80 -4.37 -7.67
CA MET B 119 3.63 -5.21 -7.41
C MET B 119 3.87 -6.20 -6.28
N TYR B 120 5.00 -6.91 -6.32
CA TYR B 120 5.31 -7.84 -5.25
C TYR B 120 5.45 -7.12 -3.91
N ASP B 121 6.18 -6.00 -3.90
CA ASP B 121 6.46 -5.34 -2.64
C ASP B 121 5.21 -4.71 -2.02
N GLN B 122 4.23 -4.38 -2.86
CA GLN B 122 2.90 -3.99 -2.38
C GLN B 122 2.04 -5.17 -1.93
N CYS B 123 2.29 -6.38 -2.43
CA CYS B 123 1.45 -7.55 -2.18
C CYS B 123 1.97 -8.46 -1.08
N LYS B 124 3.30 -8.60 -0.98
CA LYS B 124 3.95 -9.61 -0.14
C LYS B 124 3.25 -9.90 1.18
N GLN B 125 2.85 -8.85 1.91
CA GLN B 125 2.34 -9.03 3.26
C GLN B 125 1.10 -9.92 3.25
N MET B 126 0.18 -9.66 2.33
CA MET B 126 -1.10 -10.35 2.27
C MET B 126 -0.97 -11.83 1.98
N LEU B 127 0.16 -12.28 1.43
CA LEU B 127 0.34 -13.70 1.18
C LEU B 127 0.42 -14.51 2.45
N PHE B 128 0.76 -13.88 3.57
CA PHE B 128 0.74 -14.58 4.86
C PHE B 128 -0.61 -15.26 5.09
N VAL B 129 -1.70 -14.52 4.84
CA VAL B 129 -3.03 -15.02 5.19
C VAL B 129 -3.34 -16.33 4.48
N SER B 130 -3.14 -16.37 3.16
CA SER B 130 -3.52 -17.58 2.41
C SER B 130 -2.72 -18.79 2.84
N SER B 131 -1.43 -18.59 3.15
CA SER B 131 -0.59 -19.75 3.49
C SER B 131 -0.94 -20.32 4.85
N GLU B 132 -1.31 -19.46 5.80
CA GLU B 132 -1.76 -19.94 7.10
C GLU B 132 -3.07 -20.71 6.99
N LEU B 133 -4.02 -20.20 6.20
CA LEU B 133 -5.27 -20.94 5.96
C LEU B 133 -5.01 -22.27 5.26
N LYS B 134 -4.06 -22.29 4.31
CA LYS B 134 -3.69 -23.56 3.68
C LYS B 134 -2.94 -24.44 4.66
N ARG B 135 -2.08 -23.86 5.50
CA ARG B 135 -1.35 -24.66 6.46
C ARG B 135 -2.29 -25.35 7.46
N LEU B 136 -3.33 -24.66 7.90
CA LEU B 136 -4.26 -25.18 8.91
C LEU B 136 -5.50 -25.84 8.31
N GLN B 137 -5.62 -25.88 6.99
CA GLN B 137 -6.72 -26.55 6.30
C GLN B 137 -8.06 -26.11 6.89
N VAL B 138 -8.23 -24.79 6.98
CA VAL B 138 -9.41 -24.22 7.61
C VAL B 138 -10.65 -24.56 6.79
N SER B 139 -11.74 -24.85 7.47
CA SER B 139 -13.01 -25.17 6.82
C SER B 139 -13.85 -23.92 6.62
N TYR B 140 -14.82 -24.02 5.71
CA TYR B 140 -15.72 -22.89 5.45
C TYR B 140 -16.37 -22.40 6.74
N GLU B 141 -16.83 -23.34 7.58
CA GLU B 141 -17.51 -22.96 8.80
C GLU B 141 -16.55 -22.35 9.80
N GLU B 142 -15.36 -22.91 9.94
CA GLU B 142 -14.31 -22.26 10.74
C GLU B 142 -14.03 -20.85 10.24
N TYR B 143 -14.00 -20.65 8.93
CA TYR B 143 -13.67 -19.35 8.37
C TYR B 143 -14.74 -18.30 8.72
N LEU B 144 -16.02 -18.70 8.68
CA LEU B 144 -17.11 -17.76 8.93
C LEU B 144 -17.15 -17.34 10.40
N CYS B 145 -16.84 -18.27 11.31
CA CYS B 145 -16.78 -17.88 12.70
C CYS B 145 -15.59 -16.97 12.95
N MET B 146 -14.40 -17.37 12.47
CA MET B 146 -13.19 -16.56 12.61
C MET B 146 -13.37 -15.14 12.07
N LYS B 147 -14.08 -14.98 10.96
CA LYS B 147 -14.23 -13.66 10.35
C LYS B 147 -15.10 -12.75 11.21
N THR B 148 -16.19 -13.30 11.77
CA THR B 148 -17.04 -12.52 12.68
C THR B 148 -16.28 -12.14 13.94
N LEU B 149 -15.45 -13.05 14.44
CA LEU B 149 -14.65 -12.77 15.62
C LEU B 149 -13.55 -11.75 15.35
N LEU B 150 -13.03 -11.72 14.12
CA LEU B 150 -12.12 -10.65 13.76
C LEU B 150 -12.75 -9.28 14.04
N LEU B 151 -14.00 -9.11 13.62
CA LEU B 151 -14.74 -7.88 13.88
C LEU B 151 -14.93 -7.63 15.38
N PHE B 152 -15.14 -8.68 16.16
CA PHE B 152 -15.46 -8.56 17.59
C PHE B 152 -14.24 -8.64 18.50
N SER B 153 -13.05 -8.87 17.96
CA SER B 153 -11.85 -8.91 18.78
C SER B 153 -10.93 -7.74 18.48
N SER B 154 -11.46 -6.68 17.87
CA SER B 154 -10.62 -5.57 17.40
C SER B 154 -10.49 -4.44 18.41
N VAL B 155 -11.30 -4.44 19.47
CA VAL B 155 -11.28 -3.39 20.50
C VAL B 155 -11.54 -4.06 21.84
N PRO B 156 -10.90 -3.61 22.93
CA PRO B 156 -11.20 -4.17 24.24
C PRO B 156 -12.63 -3.89 24.65
N LYS B 157 -13.21 -4.82 25.44
CA LYS B 157 -14.56 -4.64 25.96
C LYS B 157 -14.71 -3.33 26.71
N GLU B 158 -13.68 -2.95 27.48
CA GLU B 158 -13.71 -1.78 28.36
C GLU B 158 -13.53 -0.46 27.60
N GLY B 159 -13.18 -0.52 26.32
CA GLY B 159 -13.15 0.66 25.49
C GLY B 159 -14.43 0.83 24.69
N LEU B 160 -15.54 0.27 25.20
CA LEU B 160 -16.83 0.30 24.53
C LEU B 160 -17.92 0.70 25.51
N LYS B 161 -19.06 1.09 24.95
CA LYS B 161 -20.19 1.56 25.75
C LYS B 161 -21.03 0.40 26.31
N SER B 162 -21.38 -0.58 25.47
CA SER B 162 -22.11 -1.75 25.94
C SER B 162 -21.16 -2.90 26.22
N GLN B 163 -20.32 -2.71 27.25
CA GLN B 163 -19.29 -3.69 27.60
C GLN B 163 -19.88 -5.08 27.84
N GLU B 164 -21.00 -5.16 28.56
CA GLU B 164 -21.53 -6.46 28.95
C GLU B 164 -22.15 -7.17 27.75
N LEU B 165 -22.94 -6.45 26.96
CA LEU B 165 -23.59 -7.07 25.81
C LEU B 165 -22.56 -7.51 24.78
N PHE B 166 -21.59 -6.64 24.48
CA PHE B 166 -20.48 -7.00 23.61
C PHE B 166 -19.83 -8.30 24.06
N ASP B 167 -19.53 -8.39 25.35
CA ASP B 167 -18.85 -9.57 25.85
C ASP B 167 -19.69 -10.82 25.64
N GLU B 168 -21.01 -10.71 25.78
CA GLU B 168 -21.88 -11.88 25.64
C GLU B 168 -21.97 -12.32 24.19
N ILE B 169 -22.11 -11.37 23.28
CA ILE B 169 -22.16 -11.68 21.85
C ILE B 169 -20.82 -12.28 21.40
N ARG B 170 -19.73 -11.74 21.91
CA ARG B 170 -18.42 -12.29 21.55
C ARG B 170 -18.30 -13.75 22.02
N MET B 171 -18.72 -14.01 23.25
CA MET B 171 -18.62 -15.38 23.78
C MET B 171 -19.46 -16.35 22.97
N THR B 172 -20.65 -15.90 22.52
CA THR B 172 -21.47 -16.72 21.63
C THR B 172 -20.70 -17.10 20.35
N TYR B 173 -19.94 -16.15 19.78
CA TYR B 173 -19.25 -16.45 18.52
C TYR B 173 -18.02 -17.33 18.74
N ILE B 174 -17.31 -17.14 19.86
CA ILE B 174 -16.26 -18.09 20.24
C ILE B 174 -16.81 -19.51 20.35
N LYS B 175 -17.96 -19.69 21.02
CA LYS B 175 -18.52 -21.04 21.16
C LYS B 175 -18.88 -21.62 19.80
N GLU B 176 -19.50 -20.82 18.94
CA GLU B 176 -19.81 -21.28 17.58
C GLU B 176 -18.54 -21.71 16.84
N LEU B 177 -17.42 -20.99 17.04
CA LEU B 177 -16.14 -21.46 16.51
C LEU B 177 -15.74 -22.81 17.11
N GLY B 178 -15.80 -22.92 18.45
CA GLY B 178 -15.62 -24.21 19.10
C GLY B 178 -16.37 -25.34 18.41
N LYS B 179 -17.63 -25.10 18.05
CA LYS B 179 -18.45 -26.12 17.40
C LYS B 179 -18.08 -26.35 15.93
N ALA B 180 -17.57 -25.33 15.21
CA ALA B 180 -17.05 -25.61 13.88
C ALA B 180 -15.81 -26.48 13.94
N ILE B 181 -14.94 -26.25 14.93
CA ILE B 181 -13.80 -27.13 15.16
C ILE B 181 -14.26 -28.56 15.41
N VAL B 182 -15.24 -28.73 16.30
CA VAL B 182 -15.70 -30.07 16.66
C VAL B 182 -16.31 -30.76 15.44
N LYS B 183 -17.14 -30.04 14.69
CA LYS B 183 -17.74 -30.60 13.49
C LYS B 183 -16.69 -31.12 12.53
N ARG B 184 -15.67 -30.30 12.24
CA ARG B 184 -14.62 -30.71 11.30
C ARG B 184 -13.85 -31.92 11.80
N GLU B 185 -13.00 -31.73 12.81
CA GLU B 185 -12.02 -32.75 13.18
C GLU B 185 -12.47 -33.63 14.33
N GLY B 186 -13.77 -33.71 14.60
CA GLY B 186 -14.26 -34.53 15.70
C GLY B 186 -13.78 -34.06 17.07
N ASN B 187 -14.16 -34.78 18.12
CA ASN B 187 -13.70 -34.51 19.48
C ASN B 187 -12.37 -35.21 19.72
N SER B 188 -11.40 -34.49 20.27
CA SER B 188 -10.07 -35.03 20.50
C SER B 188 -9.35 -34.16 21.52
N SER B 189 -8.15 -34.61 21.90
CA SER B 189 -7.25 -33.76 22.67
C SER B 189 -6.63 -32.67 21.82
N GLN B 190 -6.60 -32.85 20.50
CA GLN B 190 -6.03 -31.82 19.63
C GLN B 190 -7.00 -30.66 19.38
N ASN B 191 -8.27 -30.82 19.77
CA ASN B 191 -9.29 -29.78 19.55
C ASN B 191 -8.93 -28.47 20.24
N TRP B 192 -8.34 -28.54 21.44
CA TRP B 192 -7.86 -27.30 22.05
C TRP B 192 -6.66 -26.74 21.29
N GLN B 193 -5.79 -27.61 20.79
CA GLN B 193 -4.64 -27.10 20.02
C GLN B 193 -5.13 -26.36 18.78
N ARG B 194 -6.04 -27.00 18.03
CA ARG B 194 -6.64 -26.35 16.87
C ARG B 194 -7.27 -25.01 17.26
N PHE B 195 -7.96 -24.97 18.40
CA PHE B 195 -8.53 -23.72 18.86
C PHE B 195 -7.44 -22.69 19.15
N TYR B 196 -6.31 -23.13 19.70
CA TYR B 196 -5.22 -22.18 19.96
C TYR B 196 -4.63 -21.64 18.66
N GLN B 197 -4.43 -22.51 17.67
CA GLN B 197 -3.78 -22.06 16.46
C GLN B 197 -4.72 -21.26 15.56
N LEU B 198 -6.03 -21.48 15.63
CA LEU B 198 -6.95 -20.62 14.88
C LEU B 198 -7.14 -19.26 15.54
N THR B 199 -7.09 -19.19 16.87
CA THR B 199 -7.26 -17.91 17.53
C THR B 199 -5.99 -17.10 17.54
N LYS B 200 -4.83 -17.77 17.58
CA LYS B 200 -3.58 -17.05 17.38
C LYS B 200 -3.52 -16.43 15.99
N LEU B 201 -3.95 -17.19 14.98
CA LEU B 201 -4.08 -16.61 13.65
C LEU B 201 -4.89 -15.32 13.68
N LEU B 202 -6.01 -15.33 14.40
CA LEU B 202 -6.83 -14.12 14.57
C LEU B 202 -6.07 -13.00 15.26
N ASP B 203 -5.10 -13.34 16.11
CA ASP B 203 -4.36 -12.29 16.81
C ASP B 203 -3.40 -11.58 15.85
N SER B 204 -2.81 -12.32 14.91
CA SER B 204 -1.94 -11.73 13.91
C SER B 204 -2.68 -10.68 13.09
N MET B 205 -3.92 -10.96 12.70
CA MET B 205 -4.62 -10.08 11.78
C MET B 205 -4.84 -8.68 12.36
N HIS B 206 -4.81 -8.54 13.69
CA HIS B 206 -4.99 -7.24 14.31
C HIS B 206 -3.69 -6.54 14.59
N GLU B 207 -2.57 -7.23 14.39
CA GLU B 207 -1.30 -6.54 14.52
C GLU B 207 -1.24 -5.39 13.50
N ASN B 208 -0.41 -4.40 13.83
CA ASN B 208 -0.09 -3.28 12.95
C ASN B 208 -1.33 -2.49 12.54
N VAL B 209 -2.39 -2.54 13.36
CA VAL B 209 -3.53 -1.68 13.14
C VAL B 209 -3.27 -0.29 13.72
N THR B 210 -2.68 -0.23 14.91
CA THR B 210 -2.42 1.04 15.59
C THR B 210 -1.59 0.79 16.85
O30 486 C . 3.23 12.20 -2.82
C2 486 C . 2.81 11.07 -3.06
C1 486 C . 1.31 10.78 -2.95
C3 486 C . 3.72 9.96 -3.36
C4 486 C . 3.30 8.68 -3.52
C7 486 C . 4.30 7.60 -3.74
C5 486 C . 1.87 8.29 -3.42
C6 486 C . 0.87 9.43 -3.54
C10 486 C . 1.49 7.00 -3.24
C14 486 C . 0.00 6.59 -3.21
C18 486 C . -0.54 6.29 -4.59
C22 486 C . -1.87 5.90 -4.73
C23 486 C . -2.44 5.60 -5.96
C24 486 C . -1.67 5.68 -7.15
N27 486 C . -2.21 5.39 -8.41
C29 486 C . -1.36 5.38 -9.59
C28 486 C . -3.61 5.71 -8.67
C25 486 C . -0.33 6.09 -7.02
C26 486 C . 0.22 6.37 -5.78
C13 486 C . -0.29 5.47 -2.18
C12 486 C . 0.73 4.32 -2.13
C19 486 C . 0.73 3.48 -3.42
C17 486 C . 0.64 3.32 -0.92
C31 486 C . 0.28 4.01 0.32
C30 486 C . 0.00 4.59 1.33
C32 486 C . -0.32 5.31 2.55
O3 486 C . -0.32 2.29 -1.21
C16 486 C . 2.10 2.78 -0.77
C15 486 C . 3.05 3.83 -1.46
C11 486 C . 2.10 4.98 -1.88
C9 486 C . 2.53 5.89 -3.04
C8 486 C . 3.94 6.43 -2.83
C1 CPS D . -13.78 3.29 7.91
C2 CPS D . -15.30 2.96 8.00
C3 CPS D . -15.74 4.14 5.73
C4 CPS D . -16.70 4.97 4.83
C5 CPS D . -18.18 4.48 4.92
C6 CPS D . -18.58 4.50 6.43
C7 CPS D . -20.09 4.22 6.36
C8 CPS D . -20.56 5.13 5.19
C9 CPS D . -19.30 5.40 4.30
C10 CPS D . -18.32 3.04 4.36
C11 CPS D . -15.51 1.51 7.49
C12 CPS D . -13.36 4.61 8.59
C13 CPS D . -13.76 4.60 10.07
C14 CPS D . -15.25 4.29 10.23
C15 CPS D . -15.71 3.01 9.51
C16 CPS D . -17.23 2.71 9.70
C17 CPS D . -18.19 3.51 8.80
C18 CPS D . -17.71 3.60 7.33
C19 CPS D . -16.20 3.98 7.21
C20 CPS D . -19.64 5.33 2.78
C21 CPS D . -18.43 5.34 1.83
C22 CPS D . -20.56 6.53 2.41
C23 CPS D . -22.01 6.20 1.98
C24 CPS D . -22.10 4.97 1.10
O1 CPS D . -21.30 4.74 0.20
O2 CPS D . -13.55 5.85 10.72
O3 CPS D . -18.35 4.80 9.37
O4 CPS D . -16.60 6.37 5.12
C1 CPS E . 8.46 0.69 -4.09
C2 CPS E . 8.76 1.93 -3.20
C3 CPS E . 11.11 0.98 -2.53
C4 CPS E . 12.02 0.50 -1.38
C5 CPS E . 12.35 1.69 -0.44
C6 CPS E . 10.99 2.25 0.07
C7 CPS E . 11.42 3.23 1.16
C8 CPS E . 12.50 2.43 1.92
C9 CPS E . 13.09 1.37 0.93
C10 CPS E . 13.12 2.77 -1.24
C11 CPS E . 9.37 2.97 -4.16
C12 CPS E . 7.55 -0.39 -3.45
C13 CPS E . 6.22 0.24 -3.06
C14 CPS E . 6.47 1.34 -2.05
C15 CPS E . 7.40 2.45 -2.59
C16 CPS E . 7.61 3.55 -1.54
C17 CPS E . 8.63 3.20 -0.45
C18 CPS E . 9.98 2.70 -1.01
C19 CPS E . 9.76 1.56 -2.05
C20 CPS E . 14.65 1.28 1.05
C21 CPS E . 15.33 0.34 0.02
C22 CPS E . 15.04 0.83 2.48
O2 CPS E . 5.32 -0.71 -2.48
O3 CPS E . 8.13 2.20 0.46
O4 CPS E . 11.38 -0.57 -0.65
CL CL F . 3.96 -2.17 -15.59
CL CL G . 21.94 4.95 -29.38
C1 MPD H . 19.95 17.90 -24.71
C2 MPD H . 21.36 17.55 -24.24
O2 MPD H . 22.11 18.73 -24.16
CM MPD H . 21.29 16.88 -22.86
C3 MPD H . 21.98 16.65 -25.30
C4 MPD H . 23.04 15.70 -24.72
O4 MPD H . 23.27 14.70 -25.66
C5 MPD H . 24.35 16.44 -24.44
C1 EDO I . 5.86 14.50 -9.42
O1 EDO I . 5.73 15.40 -8.32
C2 EDO I . 7.28 13.90 -9.43
O2 EDO I . 8.25 14.94 -9.65
C1 EDO J . 33.39 15.27 -7.83
O1 EDO J . 32.54 14.19 -8.22
C2 EDO J . 34.71 14.67 -7.37
O2 EDO J . 35.64 15.71 -7.06
O30 486 K . -9.88 -8.11 -2.12
C2 486 K . -9.37 -7.09 -1.73
C1 486 K . -9.19 -5.92 -2.72
C3 486 K . -8.83 -6.93 -0.38
C4 486 K . -8.14 -5.82 0.03
C7 486 K . -7.52 -5.74 1.40
C5 486 K . -7.87 -4.68 -0.87
C6 486 K . -8.79 -4.59 -2.08
C10 486 K . -6.91 -3.75 -0.61
C14 486 K . -6.69 -2.56 -1.56
C18 486 K . -7.56 -1.36 -1.22
C22 486 K . -7.51 -0.21 -2.03
C23 486 K . -8.27 0.91 -1.77
C24 486 K . -9.16 0.96 -0.65
N27 486 K . -9.96 2.07 -0.36
C29 486 K . -10.58 2.16 0.95
C28 486 K . -10.60 2.80 -1.44
C25 486 K . -9.20 -0.20 0.14
C26 486 K . -8.41 -1.31 -0.13
C13 486 K . -5.20 -2.16 -1.70
C12 486 K . -4.41 -2.10 -0.39
C19 486 K . -4.85 -0.95 0.53
C17 486 K . -2.84 -2.01 -0.55
C31 486 K . -2.40 -2.81 -1.67
C30 486 K . -2.11 -3.53 -2.59
C32 486 K . -1.78 -4.46 -3.66
O3 486 K . -2.47 -0.63 -0.75
C16 486 K . -2.31 -2.62 0.79
C15 486 K . -3.43 -3.57 1.33
C11 486 K . -4.53 -3.50 0.25
C9 486 K . -5.99 -3.86 0.60
C8 486 K . -6.09 -5.24 1.29
C1 CPS L . 2.67 3.16 -15.68
C2 CPS L . 2.91 4.38 -16.63
C3 CPS L . 0.43 5.08 -16.44
C4 CPS L . -0.85 5.58 -17.14
C5 CPS L . -0.56 6.81 -18.04
C6 CPS L . 0.53 6.35 -19.06
C7 CPS L . 0.53 7.46 -20.12
C8 CPS L . -0.98 7.75 -20.31
C9 CPS L . -1.71 7.30 -19.00
C10 CPS L . -0.06 8.01 -17.19
C11 CPS L . 3.40 5.55 -15.75
C12 CPS L . 2.45 1.81 -16.39
C13 CPS L . 3.67 1.47 -17.24
C14 CPS L . 3.96 2.58 -18.25
C15 CPS L . 4.05 4.01 -17.64
C16 CPS L . 4.24 5.07 -18.76
C17 CPS L . 2.96 5.59 -19.42
C18 CPS L . 1.85 5.95 -18.39
C19 CPS L . 1.61 4.77 -17.40
C20 CPS L . -2.71 8.36 -18.50
C21 CPS L . -3.52 7.89 -17.27
C22 CPS L . -3.71 8.71 -19.63
C23 CPS L . -4.64 9.88 -19.27
C24 CPS L . -5.99 9.72 -19.94
O1 CPS L . -6.09 9.13 -21.02
O2 CPS L . 3.54 0.27 -18.00
O3 CPS L . 2.41 4.63 -20.32
O4 CPS L . -1.45 4.52 -17.90
C1 CPS M . -3.12 -3.92 7.95
C2 CPS M . -3.25 -5.29 7.21
C3 CPS M . -2.03 -6.50 9.19
C4 CPS M . -0.80 -7.34 9.61
C5 CPS M . -0.79 -8.72 8.91
C6 CPS M . -0.88 -8.47 7.35
C7 CPS M . -0.64 -9.85 6.76
C8 CPS M . 0.52 -10.42 7.62
C9 CPS M . 0.50 -9.65 8.99
C10 CPS M . -2.03 -9.50 9.40
C11 CPS M . -4.64 -5.84 7.60
C12 CPS M . -1.94 -3.04 7.50
C13 CPS M . -2.04 -2.77 6.00
C14 CPS M . -2.05 -4.08 5.23
C15 CPS M . -3.18 -5.04 5.66
C16 CPS M . -3.12 -6.36 4.84
C17 CPS M . -2.06 -7.37 5.32
C18 CPS M . -2.06 -7.60 6.87
C19 CPS M . -2.08 -6.26 7.65
C20 CPS M . 0.75 -10.61 10.19
C21 CPS M . 1.00 -9.86 11.51
C22 CPS M . 1.92 -11.57 9.85
O2 CPS M . -0.94 -2.00 5.52
O3 CPS M . -0.75 -6.97 4.89
O4 CPS M . 0.43 -6.61 9.36
CL CL N . -10.30 5.94 11.22
CL CL O . -23.88 -3.55 27.93
C1 MPD P . -26.42 -13.25 19.42
C2 MPD P . -27.90 -13.01 19.73
O2 MPD P . -28.38 -11.96 18.93
CM MPD P . -28.72 -14.25 19.37
C3 MPD P . -28.17 -12.61 21.18
C4 MPD P . -27.11 -13.09 22.17
O4 MPD P . -27.19 -12.26 23.29
C5 MPD P . -27.37 -14.54 22.62
C1 EDO Q . -15.52 -8.29 2.50
O1 EDO Q . -16.41 -8.65 1.42
C2 EDO Q . -16.04 -8.81 3.84
O2 EDO Q . -16.49 -10.17 3.71
C1 EDO R . -12.90 -27.54 22.84
O1 EDO R . -13.20 -28.93 22.79
C2 EDO R . -13.68 -26.87 21.73
O2 EDO R . -13.90 -25.51 22.10
C1 EDO S . -1.32 -18.94 14.40
O1 EDO S . -1.54 -20.35 14.27
C2 EDO S . -0.78 -18.30 13.11
O2 EDO S . -0.42 -16.92 13.31
#